data_1L5M
#
_entry.id   1L5M
#
_cell.length_a   71.740
_cell.length_b   90.170
_cell.length_c   47.730
_cell.angle_alpha   90.00
_cell.angle_beta   90.00
_cell.angle_gamma   90.00
#
_symmetry.space_group_name_H-M   'P 21 21 2'
#
loop_
_entity.id
_entity.type
_entity.pdbx_description
1 polymer 'Nicotinate-nucleotide--dimethylbenzimidazole phosphoribosyltransferase'
2 non-polymer "7-ALPHA-D-RIBOFURANOSYL-2-AMINOPURINE-5'-PHOSPHATE"
3 non-polymer 'NICOTINIC ACID'
4 water water
#
_entity_poly.entity_id   1
_entity_poly.type   'polypeptide(L)'
_entity_poly.pdbx_seq_one_letter_code
;MQTLHALLRDIPAPDAEAMARTQQHIDGLLKPPGSLGRLETLAVQLAGMPGLNGTPQVGEKAVLVMCADHGVWDEGVAVS
PKIVTAIQAANMTRGTTGVCVLAAQAGAKVHVIDVGIDAEPIPGVVNMRVARGCGNIAVGPAMSRLQAEALLLEVSRYTC
DLAQRGVTLFGVGELGMANTTPAAAMVSVFTGSDAKEVVGIGANLPPSRIDNKVDVVRRAIAINQPNPRDGIDVLSKVGG
FDLVGMTGVMLGAARCGLPVLLDGFLSYSAALAACQIAPAVRPYLIPSHFSAEKGARIALAHLSMEPYLHMAMRLGEGSG
AALAMPIVEAACAMFHNMGELAASNIVLPEGNANAT
;
_entity_poly.pdbx_strand_id   A
#
loop_
_chem_comp.id
_chem_comp.type
_chem_comp.name
_chem_comp.formula
7RA non-polymer 7-ALPHA-D-RIBOFURANOSYL-2-AMINOPURINE-5'-PHOSPHATE 'C10 H14 N5 O7 P'
NIO non-polymer 'NICOTINIC ACID' 'C6 H5 N O2'
#
# COMPACT_ATOMS: atom_id res chain seq x y z
N LEU A 4 -7.13 19.21 -4.32
CA LEU A 4 -7.31 17.73 -4.21
C LEU A 4 -8.45 17.23 -5.08
N HIS A 5 -9.49 18.05 -5.24
CA HIS A 5 -10.61 17.66 -6.08
C HIS A 5 -10.10 17.52 -7.50
N ALA A 6 -9.26 18.45 -7.91
CA ALA A 6 -8.67 18.43 -9.26
C ALA A 6 -7.90 17.12 -9.44
N LEU A 7 -7.03 16.83 -8.48
CA LEU A 7 -6.23 15.62 -8.50
C LEU A 7 -7.07 14.38 -8.77
N LEU A 8 -8.10 14.20 -7.97
CA LEU A 8 -8.98 13.04 -8.07
C LEU A 8 -9.74 13.00 -9.40
N ARG A 9 -10.19 14.16 -9.85
CA ARG A 9 -10.94 14.28 -11.09
C ARG A 9 -10.06 13.97 -12.31
N ASP A 10 -8.75 14.10 -12.17
CA ASP A 10 -7.84 13.87 -13.28
C ASP A 10 -7.22 12.47 -13.39
N ILE A 11 -7.67 11.52 -12.58
CA ILE A 11 -7.15 10.16 -12.65
C ILE A 11 -7.66 9.54 -13.94
N PRO A 12 -6.75 9.09 -14.80
CA PRO A 12 -7.18 8.49 -16.08
C PRO A 12 -7.83 7.12 -16.02
N ALA A 13 -8.78 6.89 -16.91
CA ALA A 13 -9.44 5.60 -16.99
C ALA A 13 -8.44 4.72 -17.75
N PRO A 14 -8.55 3.39 -17.63
CA PRO A 14 -7.63 2.49 -18.34
C PRO A 14 -7.85 2.56 -19.86
N ASP A 15 -6.79 2.31 -20.62
CA ASP A 15 -6.82 2.35 -22.08
C ASP A 15 -7.28 1.02 -22.64
N ALA A 16 -8.58 0.91 -22.94
CA ALA A 16 -9.15 -0.31 -23.47
C ALA A 16 -8.54 -0.72 -24.79
N GLU A 17 -8.11 0.25 -25.59
CA GLU A 17 -7.53 -0.05 -26.90
C GLU A 17 -6.20 -0.78 -26.75
N ALA A 18 -5.34 -0.28 -25.86
CA ALA A 18 -4.03 -0.90 -25.64
C ALA A 18 -4.26 -2.29 -25.06
N MET A 19 -5.25 -2.42 -24.20
CA MET A 19 -5.56 -3.70 -23.60
C MET A 19 -6.02 -4.74 -24.62
N ALA A 20 -6.83 -4.33 -25.60
CA ALA A 20 -7.32 -5.26 -26.62
C ALA A 20 -6.15 -5.76 -27.48
N ARG A 21 -5.23 -4.85 -27.81
CA ARG A 21 -4.07 -5.20 -28.59
C ARG A 21 -3.17 -6.14 -27.79
N THR A 22 -3.10 -5.90 -26.50
CA THR A 22 -2.27 -6.75 -25.64
C THR A 22 -2.87 -8.15 -25.59
N GLN A 23 -4.18 -8.23 -25.39
CA GLN A 23 -4.82 -9.53 -25.32
C GLN A 23 -4.59 -10.32 -26.61
N GLN A 24 -4.79 -9.68 -27.75
CA GLN A 24 -4.57 -10.37 -29.03
C GLN A 24 -3.14 -10.90 -29.15
N HIS A 25 -2.17 -10.06 -28.77
CA HIS A 25 -0.77 -10.44 -28.86
C HIS A 25 -0.42 -11.62 -27.95
N ILE A 26 -0.97 -11.63 -26.75
CA ILE A 26 -0.72 -12.72 -25.81
C ILE A 26 -1.34 -14.03 -26.29
N ASP A 27 -2.52 -13.94 -26.90
CA ASP A 27 -3.20 -15.14 -27.38
C ASP A 27 -2.39 -15.79 -28.49
N GLY A 28 -1.62 -14.99 -29.21
CA GLY A 28 -0.81 -15.51 -30.31
C GLY A 28 0.56 -16.03 -29.95
N LEU A 29 0.91 -16.03 -28.67
CA LEU A 29 2.22 -16.51 -28.25
C LEU A 29 2.32 -18.04 -28.34
N LEU A 30 3.55 -18.54 -28.33
CA LEU A 30 3.87 -19.96 -28.46
C LEU A 30 3.44 -20.80 -27.24
N LYS A 31 2.14 -20.87 -27.01
CA LYS A 31 1.63 -21.61 -25.86
C LYS A 31 0.13 -21.75 -26.03
N PRO A 32 -0.48 -22.71 -25.31
CA PRO A 32 -1.93 -22.90 -25.40
C PRO A 32 -2.55 -21.61 -24.85
N PRO A 33 -3.56 -21.06 -25.54
CA PRO A 33 -4.21 -19.83 -25.09
C PRO A 33 -4.65 -19.91 -23.63
N GLY A 34 -4.33 -18.85 -22.88
CA GLY A 34 -4.67 -18.78 -21.46
C GLY A 34 -3.84 -19.64 -20.51
N SER A 35 -2.87 -20.39 -21.04
CA SER A 35 -2.07 -21.28 -20.19
C SER A 35 -1.20 -20.62 -19.15
N LEU A 36 -0.84 -19.36 -19.36
CA LEU A 36 -0.02 -18.66 -18.37
C LEU A 36 -0.88 -17.91 -17.32
N GLY A 37 -2.17 -18.27 -17.30
CA GLY A 37 -3.11 -17.70 -16.33
C GLY A 37 -2.99 -16.26 -15.86
N ARG A 38 -2.80 -16.05 -14.57
CA ARG A 38 -2.74 -14.69 -14.04
C ARG A 38 -1.57 -13.84 -14.55
N LEU A 39 -0.55 -14.48 -15.10
CA LEU A 39 0.58 -13.71 -15.66
C LEU A 39 0.06 -12.98 -16.89
N GLU A 40 -0.88 -13.60 -17.61
CA GLU A 40 -1.46 -12.99 -18.80
C GLU A 40 -2.38 -11.83 -18.42
N THR A 41 -3.19 -12.04 -17.38
CA THR A 41 -4.11 -11.04 -16.87
C THR A 41 -3.34 -9.83 -16.37
N LEU A 42 -2.21 -10.08 -15.74
CA LEU A 42 -1.37 -9.00 -15.24
C LEU A 42 -0.81 -8.19 -16.40
N ALA A 43 -0.32 -8.87 -17.43
CA ALA A 43 0.24 -8.17 -18.59
C ALA A 43 -0.80 -7.25 -19.23
N VAL A 44 -2.04 -7.73 -19.35
CA VAL A 44 -3.09 -6.92 -19.94
C VAL A 44 -3.42 -5.72 -19.05
N GLN A 45 -3.44 -5.94 -17.74
CA GLN A 45 -3.75 -4.87 -16.80
C GLN A 45 -2.71 -3.74 -16.93
N LEU A 46 -1.44 -4.13 -17.00
CA LEU A 46 -0.36 -3.16 -17.15
C LEU A 46 -0.50 -2.39 -18.47
N ALA A 47 -0.87 -3.10 -19.53
CA ALA A 47 -1.03 -2.49 -20.84
C ALA A 47 -2.06 -1.37 -20.83
N GLY A 48 -3.05 -1.47 -19.94
CA GLY A 48 -4.09 -0.46 -19.88
C GLY A 48 -3.73 0.81 -19.14
N MET A 49 -2.62 0.77 -18.39
CA MET A 49 -2.18 1.93 -17.62
C MET A 49 -1.48 2.95 -18.52
N PRO A 50 -2.09 4.12 -18.73
CA PRO A 50 -1.54 5.18 -19.58
C PRO A 50 -0.07 5.57 -19.38
N GLY A 51 0.40 5.56 -18.15
CA GLY A 51 1.79 5.91 -17.89
C GLY A 51 2.80 4.91 -18.45
N LEU A 52 2.31 3.74 -18.86
CA LEU A 52 3.18 2.69 -19.40
C LEU A 52 3.28 2.69 -20.92
N ASN A 53 2.72 3.69 -21.56
CA ASN A 53 2.80 3.78 -23.02
C ASN A 53 2.30 2.60 -23.87
N GLY A 54 1.09 2.13 -23.54
CA GLY A 54 0.42 1.07 -24.28
C GLY A 54 1.03 -0.32 -24.34
N THR A 55 1.96 -0.60 -23.43
CA THR A 55 2.61 -1.90 -23.44
C THR A 55 3.09 -2.28 -22.04
N PRO A 56 3.01 -3.57 -21.67
CA PRO A 56 3.49 -3.93 -20.33
C PRO A 56 5.01 -3.77 -20.27
N GLN A 57 5.48 -2.88 -19.41
CA GLN A 57 6.92 -2.65 -19.28
C GLN A 57 7.26 -2.12 -17.89
N VAL A 58 8.49 -2.34 -17.45
CA VAL A 58 8.94 -1.87 -16.15
C VAL A 58 10.27 -1.15 -16.36
N GLY A 59 10.34 0.09 -15.89
CA GLY A 59 11.58 0.84 -16.00
C GLY A 59 12.22 0.83 -14.63
N GLU A 60 12.31 2.00 -14.00
CA GLU A 60 12.87 2.07 -12.65
C GLU A 60 11.80 1.66 -11.65
N LYS A 61 12.22 1.10 -10.52
CA LYS A 61 11.31 0.63 -9.47
C LYS A 61 11.57 1.31 -8.14
N ALA A 62 10.52 1.68 -7.43
CA ALA A 62 10.71 2.34 -6.15
C ALA A 62 9.71 1.91 -5.08
N VAL A 63 10.21 1.72 -3.86
CA VAL A 63 9.35 1.36 -2.75
C VAL A 63 9.33 2.58 -1.83
N LEU A 64 8.14 3.10 -1.53
CA LEU A 64 8.02 4.27 -0.64
C LEU A 64 7.56 3.83 0.74
N VAL A 65 8.42 4.04 1.72
CA VAL A 65 8.12 3.64 3.08
C VAL A 65 7.72 4.84 3.93
N MET A 66 6.46 4.86 4.35
CA MET A 66 5.89 5.94 5.14
C MET A 66 6.06 5.65 6.64
N CYS A 67 6.82 6.48 7.34
CA CYS A 67 7.08 6.28 8.76
C CYS A 67 6.39 7.30 9.65
N ALA A 68 5.86 6.84 10.77
CA ALA A 68 5.18 7.72 11.71
C ALA A 68 4.86 6.99 13.00
N ASP A 69 4.66 7.75 14.07
CA ASP A 69 4.31 7.18 15.36
C ASP A 69 2.85 7.49 15.64
N HIS A 70 2.28 6.71 16.56
CA HIS A 70 0.86 6.79 16.89
C HIS A 70 0.63 6.99 18.37
N GLY A 71 -0.29 7.89 18.72
CA GLY A 71 -0.58 8.13 20.12
C GLY A 71 -1.18 6.89 20.78
N VAL A 72 -1.86 6.05 19.99
CA VAL A 72 -2.51 4.87 20.54
C VAL A 72 -1.50 3.89 21.14
N TRP A 73 -0.22 4.11 20.86
CA TRP A 73 0.80 3.26 21.45
C TRP A 73 0.65 3.28 22.99
N ASP A 74 0.24 4.42 23.53
CA ASP A 74 0.06 4.53 24.98
C ASP A 74 -0.99 3.59 25.59
N GLU A 75 -1.89 3.05 24.77
CA GLU A 75 -2.93 2.14 25.26
C GLU A 75 -2.42 0.71 25.43
N GLY A 76 -1.13 0.52 25.25
CA GLY A 76 -0.54 -0.81 25.41
C GLY A 76 -0.90 -1.82 24.33
N VAL A 77 -1.02 -1.37 23.09
CA VAL A 77 -1.38 -2.25 21.97
C VAL A 77 -0.18 -2.81 21.17
N ALA A 78 1.03 -2.37 21.52
CA ALA A 78 2.26 -2.81 20.83
C ALA A 78 3.33 -3.20 21.85
N VAL A 79 4.03 -4.29 21.58
CA VAL A 79 5.06 -4.78 22.49
C VAL A 79 6.43 -4.09 22.35
N SER A 80 6.68 -3.43 21.22
CA SER A 80 7.97 -2.77 21.05
C SER A 80 7.94 -1.32 21.55
N PRO A 81 9.05 -0.85 22.14
CA PRO A 81 9.14 0.52 22.65
C PRO A 81 8.89 1.45 21.47
N LYS A 82 8.30 2.61 21.73
CA LYS A 82 7.97 3.54 20.66
C LYS A 82 9.17 3.96 19.83
N ILE A 83 10.35 4.02 20.44
CA ILE A 83 11.57 4.43 19.74
C ILE A 83 11.96 3.50 18.60
N VAL A 84 11.46 2.27 18.61
CA VAL A 84 11.81 1.34 17.55
C VAL A 84 11.44 1.92 16.18
N THR A 85 10.44 2.79 16.11
CA THR A 85 10.09 3.40 14.81
C THR A 85 11.28 4.20 14.26
N ALA A 86 11.79 5.12 15.09
CA ALA A 86 12.91 5.97 14.71
C ALA A 86 14.15 5.14 14.39
N ILE A 87 14.42 4.12 15.21
CA ILE A 87 15.56 3.25 15.01
C ILE A 87 15.53 2.54 13.66
N GLN A 88 14.39 1.92 13.36
CA GLN A 88 14.25 1.21 12.11
C GLN A 88 14.28 2.17 10.91
N ALA A 89 13.80 3.40 11.10
CA ALA A 89 13.83 4.35 9.99
C ALA A 89 15.27 4.69 9.66
N ALA A 90 16.11 4.82 10.68
CA ALA A 90 17.53 5.09 10.48
C ALA A 90 18.16 3.88 9.77
N ASN A 91 17.81 2.68 10.23
CA ASN A 91 18.35 1.47 9.62
C ASN A 91 17.96 1.40 8.15
N MET A 92 16.81 1.97 7.79
CA MET A 92 16.41 1.95 6.39
C MET A 92 17.46 2.65 5.54
N THR A 93 18.11 3.69 6.08
CA THR A 93 19.12 4.42 5.31
C THR A 93 20.41 3.63 5.19
N ARG A 94 20.60 2.63 6.07
CA ARG A 94 21.81 1.81 6.05
C ARG A 94 21.66 0.54 5.21
N GLY A 95 20.46 0.32 4.70
CA GLY A 95 20.19 -0.85 3.88
C GLY A 95 20.17 -2.19 4.59
N THR A 96 19.96 -2.18 5.90
CA THR A 96 19.96 -3.43 6.66
C THR A 96 18.60 -4.03 6.99
N THR A 97 17.52 -3.31 6.68
CA THR A 97 16.17 -3.81 6.97
C THR A 97 15.66 -4.81 5.95
N GLY A 98 14.59 -5.50 6.33
CA GLY A 98 13.98 -6.48 5.44
C GLY A 98 13.58 -5.93 4.09
N VAL A 99 12.93 -4.76 4.04
CA VAL A 99 12.52 -4.22 2.74
C VAL A 99 13.72 -3.79 1.91
N CYS A 100 14.77 -3.29 2.56
CA CYS A 100 15.97 -2.88 1.83
C CYS A 100 16.65 -4.06 1.13
N VAL A 101 16.78 -5.17 1.84
CA VAL A 101 17.41 -6.36 1.27
C VAL A 101 16.59 -6.98 0.13
N LEU A 102 15.27 -7.00 0.29
CA LEU A 102 14.42 -7.57 -0.75
C LEU A 102 14.30 -6.61 -1.92
N ALA A 103 14.37 -5.30 -1.65
CA ALA A 103 14.28 -4.33 -2.72
C ALA A 103 15.55 -4.38 -3.57
N ALA A 104 16.70 -4.49 -2.90
CA ALA A 104 17.99 -4.55 -3.62
C ALA A 104 17.98 -5.79 -4.51
N GLN A 105 17.44 -6.88 -3.99
CA GLN A 105 17.39 -8.12 -4.73
C GLN A 105 16.55 -7.96 -6.00
N ALA A 106 15.56 -7.05 -5.95
CA ALA A 106 14.68 -6.79 -7.10
C ALA A 106 15.12 -5.58 -7.93
N GLY A 107 16.21 -4.96 -7.54
CA GLY A 107 16.73 -3.81 -8.26
C GLY A 107 15.87 -2.58 -8.08
N ALA A 108 15.18 -2.47 -6.94
CA ALA A 108 14.34 -1.31 -6.66
C ALA A 108 15.02 -0.38 -5.67
N LYS A 109 14.66 0.89 -5.68
CA LYS A 109 15.23 1.84 -4.75
C LYS A 109 14.21 2.11 -3.65
N VAL A 110 14.66 2.20 -2.42
CA VAL A 110 13.78 2.47 -1.30
C VAL A 110 13.81 3.94 -0.91
N HIS A 111 12.64 4.57 -0.82
CA HIS A 111 12.57 5.96 -0.40
C HIS A 111 11.94 5.93 0.99
N VAL A 112 12.65 6.47 1.98
CA VAL A 112 12.13 6.49 3.35
C VAL A 112 11.56 7.88 3.61
N ILE A 113 10.29 7.92 3.97
CA ILE A 113 9.64 9.20 4.22
C ILE A 113 9.08 9.30 5.63
N ASP A 114 9.48 10.37 6.32
CA ASP A 114 9.01 10.62 7.67
C ASP A 114 7.80 11.53 7.60
N VAL A 115 6.61 10.96 7.86
CA VAL A 115 5.41 11.78 7.85
C VAL A 115 4.92 12.02 9.27
N GLY A 116 5.67 11.55 10.26
CA GLY A 116 5.22 11.76 11.62
C GLY A 116 5.91 11.02 12.75
N ILE A 117 7.21 10.76 12.62
CA ILE A 117 7.96 10.07 13.67
C ILE A 117 8.11 10.99 14.88
N ASP A 118 7.96 10.42 16.08
CA ASP A 118 8.07 11.17 17.34
C ASP A 118 9.52 11.06 17.83
N ALA A 119 10.39 11.81 17.17
CA ALA A 119 11.81 11.82 17.48
C ALA A 119 12.41 12.96 16.66
N GLU A 120 13.70 13.22 16.86
CA GLU A 120 14.36 14.27 16.11
C GLU A 120 14.47 13.79 14.66
N PRO A 121 14.51 14.73 13.71
CA PRO A 121 14.64 14.38 12.29
C PRO A 121 15.83 13.45 12.05
N ILE A 122 15.65 12.48 11.17
CA ILE A 122 16.72 11.54 10.86
C ILE A 122 17.38 11.93 9.52
N PRO A 123 18.69 12.18 9.53
CA PRO A 123 19.34 12.56 8.27
C PRO A 123 19.24 11.47 7.21
N GLY A 124 18.97 11.87 5.96
CA GLY A 124 18.86 10.89 4.90
C GLY A 124 17.44 10.43 4.70
N VAL A 125 16.55 10.84 5.60
CA VAL A 125 15.13 10.47 5.47
C VAL A 125 14.36 11.65 4.90
N VAL A 126 13.44 11.41 3.97
CA VAL A 126 12.67 12.51 3.39
C VAL A 126 11.76 13.10 4.46
N ASN A 127 11.87 14.42 4.64
CA ASN A 127 11.06 15.07 5.67
C ASN A 127 9.71 15.61 5.18
N MET A 128 8.62 14.99 5.65
CA MET A 128 7.27 15.44 5.33
C MET A 128 6.43 15.30 6.60
N ARG A 129 7.07 15.37 7.76
CA ARG A 129 6.35 15.20 9.02
C ARG A 129 5.25 16.21 9.33
N VAL A 130 4.12 15.68 9.76
CA VAL A 130 2.96 16.51 10.07
C VAL A 130 3.06 16.94 11.52
N ALA A 131 3.40 15.99 12.38
CA ALA A 131 3.57 16.27 13.80
C ALA A 131 4.37 15.13 14.39
N ARG A 132 4.76 15.27 15.65
CA ARG A 132 5.53 14.25 16.33
C ARG A 132 4.58 13.16 16.82
N GLY A 133 4.12 12.33 15.89
CA GLY A 133 3.19 11.27 16.21
C GLY A 133 1.77 11.82 16.06
N CYS A 134 0.79 10.97 15.76
CA CYS A 134 -0.58 11.44 15.59
C CYS A 134 -1.32 11.32 16.93
N GLY A 135 -2.54 11.84 17.00
CA GLY A 135 -3.31 11.75 18.23
C GLY A 135 -3.70 10.32 18.57
N ASN A 136 -4.01 10.06 19.85
CA ASN A 136 -4.41 8.73 20.33
C ASN A 136 -5.87 8.48 19.92
N ILE A 137 -6.07 7.63 18.92
CA ILE A 137 -7.43 7.35 18.43
C ILE A 137 -8.42 6.81 19.45
N ALA A 138 -7.93 6.35 20.59
CA ALA A 138 -8.84 5.82 21.61
C ALA A 138 -9.65 6.92 22.31
N VAL A 139 -9.17 8.16 22.26
CA VAL A 139 -9.87 9.25 22.95
C VAL A 139 -10.21 10.42 22.04
N GLY A 140 -9.90 10.28 20.75
CA GLY A 140 -10.19 11.36 19.85
C GLY A 140 -9.62 11.01 18.50
N PRO A 141 -9.60 11.96 17.56
CA PRO A 141 -9.08 11.72 16.22
C PRO A 141 -7.56 11.74 16.14
N ALA A 142 -7.05 11.04 15.14
CA ALA A 142 -5.62 10.97 14.88
C ALA A 142 -5.12 12.33 14.41
N MET A 143 -5.93 13.04 13.63
CA MET A 143 -5.54 14.33 13.08
C MET A 143 -6.79 15.05 12.57
N SER A 144 -6.61 16.26 12.06
CA SER A 144 -7.72 17.02 11.50
C SER A 144 -7.89 16.64 10.04
N ARG A 145 -9.08 16.87 9.51
CA ARG A 145 -9.35 16.55 8.12
C ARG A 145 -8.37 17.32 7.25
N LEU A 146 -8.12 18.58 7.62
CA LEU A 146 -7.22 19.44 6.87
C LEU A 146 -5.84 18.80 6.76
N GLN A 147 -5.33 18.31 7.90
CA GLN A 147 -4.03 17.66 7.92
C GLN A 147 -4.01 16.43 7.01
N ALA A 148 -5.11 15.68 6.99
CA ALA A 148 -5.15 14.50 6.15
C ALA A 148 -5.09 14.90 4.67
N GLU A 149 -5.93 15.84 4.27
CA GLU A 149 -5.92 16.28 2.87
C GLU A 149 -4.58 16.84 2.44
N ALA A 150 -3.95 17.62 3.32
CA ALA A 150 -2.67 18.21 2.98
C ALA A 150 -1.61 17.14 2.70
N LEU A 151 -1.56 16.14 3.57
CA LEU A 151 -0.57 15.07 3.42
C LEU A 151 -0.86 14.24 2.17
N LEU A 152 -2.13 14.00 1.89
CA LEU A 152 -2.52 13.25 0.69
C LEU A 152 -1.98 13.93 -0.55
N LEU A 153 -2.18 15.24 -0.63
CA LEU A 153 -1.75 16.02 -1.77
C LEU A 153 -0.23 16.05 -1.89
N GLU A 154 0.44 16.25 -0.76
CA GLU A 154 1.89 16.30 -0.72
C GLU A 154 2.52 14.98 -1.20
N VAL A 155 2.07 13.86 -0.65
CA VAL A 155 2.61 12.57 -1.03
C VAL A 155 2.28 12.25 -2.50
N SER A 156 1.07 12.62 -2.93
CA SER A 156 0.65 12.40 -4.32
C SER A 156 1.58 13.07 -5.31
N ARG A 157 1.90 14.33 -5.07
CA ARG A 157 2.79 15.07 -5.96
C ARG A 157 4.18 14.46 -5.95
N TYR A 158 4.66 14.08 -4.76
CA TYR A 158 5.98 13.48 -4.66
C TYR A 158 6.02 12.18 -5.47
N THR A 159 4.98 11.39 -5.37
CA THR A 159 4.94 10.12 -6.10
C THR A 159 4.98 10.28 -7.63
N CYS A 160 4.15 11.17 -8.15
CA CYS A 160 4.08 11.35 -9.60
C CYS A 160 5.36 12.05 -10.10
N ASP A 161 5.99 12.87 -9.25
CA ASP A 161 7.21 13.55 -9.65
C ASP A 161 8.30 12.50 -9.91
N LEU A 162 8.28 11.42 -9.14
CA LEU A 162 9.25 10.32 -9.33
C LEU A 162 9.06 9.69 -10.70
N ALA A 163 7.81 9.67 -11.15
CA ALA A 163 7.50 9.10 -12.44
C ALA A 163 8.28 9.84 -13.51
N GLN A 164 8.43 11.15 -13.34
CA GLN A 164 9.15 11.94 -14.32
C GLN A 164 10.64 11.64 -14.30
N ARG A 165 11.08 10.82 -13.35
CA ARG A 165 12.50 10.48 -13.25
C ARG A 165 12.74 9.04 -13.71
N GLY A 166 11.75 8.48 -14.42
CA GLY A 166 11.92 7.13 -14.92
C GLY A 166 11.26 6.00 -14.14
N VAL A 167 10.76 6.29 -12.95
CA VAL A 167 10.09 5.24 -12.17
C VAL A 167 8.76 4.87 -12.83
N THR A 168 8.53 3.57 -13.02
CA THR A 168 7.30 3.11 -13.65
C THR A 168 6.51 2.16 -12.76
N LEU A 169 7.14 1.67 -11.69
CA LEU A 169 6.47 0.73 -10.79
C LEU A 169 6.71 1.09 -9.33
N PHE A 170 5.62 1.30 -8.59
CA PHE A 170 5.75 1.65 -7.19
C PHE A 170 5.37 0.50 -6.28
N GLY A 171 5.87 0.58 -5.05
CA GLY A 171 5.58 -0.41 -4.04
C GLY A 171 5.31 0.46 -2.83
N VAL A 172 4.36 0.07 -1.98
CA VAL A 172 4.07 0.89 -0.84
C VAL A 172 4.43 0.18 0.46
N GLY A 173 4.91 0.95 1.43
CA GLY A 173 5.27 0.35 2.71
C GLY A 173 5.14 1.32 3.87
N GLU A 174 5.38 0.81 5.08
CA GLU A 174 5.28 1.65 6.26
C GLU A 174 6.17 1.19 7.41
N LEU A 175 6.22 2.03 8.44
CA LEU A 175 6.98 1.76 9.65
C LEU A 175 6.31 2.61 10.74
N GLY A 176 5.86 1.99 11.82
CA GLY A 176 5.24 2.73 12.91
C GLY A 176 4.69 1.79 13.97
N MET A 177 5.36 1.76 15.12
CA MET A 177 4.93 0.87 16.19
C MET A 177 3.47 1.17 16.52
N ALA A 178 2.71 0.09 16.68
CA ALA A 178 1.29 0.16 16.99
C ALA A 178 0.38 0.44 15.79
N ASN A 179 0.92 0.55 14.58
CA ASN A 179 0.03 0.86 13.46
C ASN A 179 -0.96 -0.22 13.01
N THR A 180 -0.86 -1.45 13.51
CA THR A 180 -1.86 -2.44 13.10
C THR A 180 -3.17 -2.19 13.87
N THR A 181 -3.13 -1.32 14.87
CA THR A 181 -4.36 -1.00 15.61
C THR A 181 -5.26 -0.09 14.74
N PRO A 182 -4.76 1.07 14.29
CA PRO A 182 -5.61 1.94 13.44
C PRO A 182 -5.98 1.25 12.13
N ALA A 183 -5.09 0.39 11.65
CA ALA A 183 -5.33 -0.36 10.42
C ALA A 183 -6.56 -1.23 10.65
N ALA A 184 -6.60 -1.92 11.79
CA ALA A 184 -7.73 -2.77 12.12
C ALA A 184 -9.01 -1.95 12.27
N ALA A 185 -8.91 -0.78 12.89
CA ALA A 185 -10.08 0.07 13.06
C ALA A 185 -10.63 0.48 11.69
N MET A 186 -9.75 0.86 10.77
CA MET A 186 -10.22 1.24 9.44
C MET A 186 -10.88 0.07 8.74
N VAL A 187 -10.27 -1.10 8.82
CA VAL A 187 -10.83 -2.28 8.16
C VAL A 187 -12.23 -2.58 8.72
N SER A 188 -12.37 -2.51 10.04
CA SER A 188 -13.66 -2.76 10.67
C SER A 188 -14.71 -1.79 10.13
N VAL A 189 -14.34 -0.51 10.07
CA VAL A 189 -15.26 0.52 9.57
C VAL A 189 -15.62 0.37 8.11
N PHE A 190 -14.63 0.20 7.24
CA PHE A 190 -14.90 0.05 5.81
C PHE A 190 -15.64 -1.24 5.44
N THR A 191 -15.33 -2.34 6.12
CA THR A 191 -15.96 -3.61 5.78
C THR A 191 -17.20 -3.93 6.60
N GLY A 192 -17.42 -3.18 7.67
CA GLY A 192 -18.57 -3.44 8.52
C GLY A 192 -18.39 -4.71 9.32
N SER A 193 -17.13 -5.09 9.58
CA SER A 193 -16.84 -6.30 10.34
C SER A 193 -16.59 -5.92 11.79
N ASP A 194 -16.82 -6.86 12.70
CA ASP A 194 -16.60 -6.58 14.12
C ASP A 194 -15.10 -6.61 14.38
N ALA A 195 -14.66 -5.73 15.26
CA ALA A 195 -13.24 -5.63 15.61
C ALA A 195 -12.57 -6.94 15.97
N LYS A 196 -13.27 -7.83 16.66
CA LYS A 196 -12.66 -9.10 17.05
C LYS A 196 -12.26 -9.93 15.83
N GLU A 197 -13.00 -9.78 14.74
CA GLU A 197 -12.73 -10.53 13.52
C GLU A 197 -11.56 -9.98 12.68
N VAL A 198 -11.14 -8.75 12.93
CA VAL A 198 -10.06 -8.15 12.15
C VAL A 198 -8.89 -7.61 12.94
N VAL A 199 -8.84 -7.91 14.23
CA VAL A 199 -7.73 -7.45 15.05
C VAL A 199 -6.76 -8.62 15.18
N GLY A 200 -5.49 -8.39 14.83
CA GLY A 200 -4.49 -9.44 14.91
C GLY A 200 -3.38 -9.20 15.91
N ILE A 201 -2.39 -10.10 15.90
CA ILE A 201 -1.25 -10.00 16.81
C ILE A 201 -0.17 -8.99 16.39
N GLY A 202 -0.36 -8.32 15.25
CA GLY A 202 0.63 -7.33 14.82
C GLY A 202 2.04 -7.91 14.90
N ALA A 203 2.97 -7.16 15.49
CA ALA A 203 4.34 -7.61 15.60
C ALA A 203 4.51 -8.40 16.91
N ASN A 204 4.07 -9.65 16.88
CA ASN A 204 4.16 -10.54 18.03
C ASN A 204 3.51 -10.08 19.34
N LEU A 205 2.31 -9.53 19.27
CA LEU A 205 1.63 -9.13 20.51
C LEU A 205 1.21 -10.41 21.24
N PRO A 206 1.52 -10.53 22.54
CA PRO A 206 1.14 -11.74 23.28
C PRO A 206 -0.36 -12.00 23.21
N PRO A 207 -0.74 -13.27 23.17
CA PRO A 207 -2.14 -13.64 23.06
C PRO A 207 -2.96 -13.08 24.22
N SER A 208 -2.34 -12.94 25.39
CA SER A 208 -3.05 -12.42 26.55
C SER A 208 -3.36 -10.92 26.46
N ARG A 209 -2.76 -10.23 25.49
CA ARG A 209 -2.96 -8.79 25.35
C ARG A 209 -3.93 -8.42 24.23
N ILE A 210 -4.41 -9.41 23.49
CA ILE A 210 -5.33 -9.20 22.37
C ILE A 210 -6.66 -8.52 22.78
N ASP A 211 -7.22 -8.96 23.91
CA ASP A 211 -8.49 -8.40 24.37
C ASP A 211 -8.43 -6.89 24.50
N ASN A 212 -7.33 -6.40 25.04
CA ASN A 212 -7.14 -4.97 25.22
C ASN A 212 -7.14 -4.28 23.86
N LYS A 213 -6.44 -4.88 22.90
CA LYS A 213 -6.36 -4.30 21.57
C LYS A 213 -7.74 -4.24 20.92
N VAL A 214 -8.53 -5.31 21.06
CA VAL A 214 -9.87 -5.30 20.46
C VAL A 214 -10.70 -4.20 21.12
N ASP A 215 -10.55 -4.02 22.44
CA ASP A 215 -11.29 -3.00 23.18
C ASP A 215 -10.87 -1.58 22.74
N VAL A 216 -9.58 -1.38 22.52
CA VAL A 216 -9.10 -0.07 22.09
C VAL A 216 -9.70 0.27 20.73
N VAL A 217 -9.75 -0.71 19.85
CA VAL A 217 -10.30 -0.51 18.51
C VAL A 217 -11.75 -0.12 18.55
N ARG A 218 -12.53 -0.77 19.43
CA ARG A 218 -13.95 -0.47 19.55
C ARG A 218 -14.16 0.94 20.11
N ARG A 219 -13.36 1.30 21.10
CA ARG A 219 -13.47 2.62 21.70
C ARG A 219 -13.18 3.72 20.69
N ALA A 220 -12.15 3.51 19.87
CA ALA A 220 -11.76 4.48 18.86
C ALA A 220 -12.89 4.73 17.88
N ILE A 221 -13.59 3.66 17.52
CA ILE A 221 -14.70 3.79 16.60
C ILE A 221 -15.91 4.47 17.26
N ALA A 222 -16.25 4.02 18.47
CA ALA A 222 -17.38 4.60 19.19
C ALA A 222 -17.17 6.08 19.43
N ILE A 223 -15.98 6.44 19.92
CA ILE A 223 -15.69 7.83 20.22
C ILE A 223 -15.61 8.73 18.99
N ASN A 224 -14.99 8.26 17.91
CA ASN A 224 -14.87 9.11 16.72
C ASN A 224 -16.02 9.08 15.74
N GLN A 225 -16.78 8.00 15.73
CA GLN A 225 -17.91 7.89 14.80
C GLN A 225 -17.51 8.21 13.36
N PRO A 226 -16.53 7.46 12.82
CA PRO A 226 -16.11 7.73 11.44
C PRO A 226 -17.18 7.32 10.43
N ASN A 227 -17.32 8.12 9.37
CA ASN A 227 -18.29 7.87 8.31
C ASN A 227 -17.62 6.99 7.23
N PRO A 228 -18.04 5.73 7.11
CA PRO A 228 -17.53 4.74 6.15
C PRO A 228 -17.62 5.16 4.69
N ARG A 229 -18.53 6.08 4.41
CA ARG A 229 -18.71 6.55 3.04
C ARG A 229 -17.74 7.66 2.68
N ASP A 230 -16.98 8.13 3.67
CA ASP A 230 -16.01 9.20 3.44
C ASP A 230 -14.63 8.70 3.88
N GLY A 231 -13.83 8.26 2.91
CA GLY A 231 -12.51 7.73 3.20
C GLY A 231 -11.57 8.67 3.93
N ILE A 232 -11.68 9.97 3.64
CA ILE A 232 -10.83 10.94 4.29
C ILE A 232 -11.26 11.09 5.75
N ASP A 233 -12.56 11.02 5.99
CA ASP A 233 -13.09 11.14 7.35
C ASP A 233 -12.55 9.98 8.19
N VAL A 234 -12.57 8.79 7.60
CA VAL A 234 -12.09 7.61 8.31
C VAL A 234 -10.61 7.73 8.62
N LEU A 235 -9.82 8.04 7.59
CA LEU A 235 -8.38 8.18 7.76
C LEU A 235 -8.00 9.18 8.83
N SER A 236 -8.59 10.37 8.79
CA SER A 236 -8.26 11.40 9.75
C SER A 236 -8.66 11.09 11.19
N LYS A 237 -9.71 10.29 11.34
CA LYS A 237 -10.22 9.95 12.66
C LYS A 237 -9.59 8.74 13.34
N VAL A 238 -9.57 7.61 12.64
CA VAL A 238 -9.00 6.43 13.26
C VAL A 238 -7.82 5.83 12.50
N GLY A 239 -7.21 6.64 11.64
CA GLY A 239 -6.04 6.19 10.91
C GLY A 239 -4.77 6.73 11.56
N GLY A 240 -3.78 7.07 10.74
CA GLY A 240 -2.52 7.62 11.21
C GLY A 240 -1.81 8.25 10.02
N PHE A 241 -0.72 9.00 10.27
CA PHE A 241 0.03 9.66 9.19
C PHE A 241 0.63 8.69 8.19
N ASP A 242 1.17 7.58 8.70
CA ASP A 242 1.74 6.58 7.80
C ASP A 242 0.66 6.00 6.88
N LEU A 243 -0.49 5.68 7.44
CA LEU A 243 -1.61 5.13 6.67
C LEU A 243 -2.10 6.14 5.62
N VAL A 244 -2.19 7.40 6.00
CA VAL A 244 -2.59 8.45 5.07
C VAL A 244 -1.56 8.52 3.93
N GLY A 245 -0.28 8.51 4.31
CA GLY A 245 0.79 8.59 3.33
C GLY A 245 0.73 7.48 2.28
N MET A 246 0.42 6.26 2.71
CA MET A 246 0.35 5.13 1.76
C MET A 246 -0.81 5.36 0.79
N THR A 247 -1.92 5.86 1.31
CA THR A 247 -3.10 6.16 0.51
C THR A 247 -2.68 7.18 -0.55
N GLY A 248 -1.88 8.15 -0.13
CA GLY A 248 -1.40 9.18 -1.05
C GLY A 248 -0.54 8.63 -2.19
N VAL A 249 0.31 7.66 -1.90
CA VAL A 249 1.14 7.06 -2.95
C VAL A 249 0.19 6.43 -3.98
N MET A 250 -0.85 5.74 -3.49
CA MET A 250 -1.81 5.09 -4.39
C MET A 250 -2.56 6.10 -5.25
N LEU A 251 -2.96 7.21 -4.64
CA LEU A 251 -3.67 8.23 -5.43
C LEU A 251 -2.70 8.85 -6.42
N GLY A 252 -1.47 9.08 -5.97
CA GLY A 252 -0.47 9.68 -6.85
C GLY A 252 -0.13 8.83 -8.06
N ALA A 253 0.16 7.55 -7.82
CA ALA A 253 0.49 6.64 -8.92
C ALA A 253 -0.66 6.57 -9.93
N ALA A 254 -1.89 6.45 -9.43
CA ALA A 254 -3.03 6.35 -10.32
C ALA A 254 -3.18 7.61 -11.17
N ARG A 255 -3.00 8.77 -10.54
CA ARG A 255 -3.10 10.04 -11.25
C ARG A 255 -2.04 10.07 -12.35
N CYS A 256 -0.89 9.48 -12.04
CA CYS A 256 0.25 9.38 -12.95
C CYS A 256 0.02 8.26 -13.98
N GLY A 257 -1.07 7.51 -13.79
CA GLY A 257 -1.38 6.42 -14.68
C GLY A 257 -0.39 5.28 -14.57
N LEU A 258 0.13 5.06 -13.36
CA LEU A 258 1.13 4.01 -13.14
C LEU A 258 0.70 2.98 -12.09
N PRO A 259 1.27 1.77 -12.16
CA PRO A 259 0.94 0.70 -11.21
C PRO A 259 1.61 0.84 -9.84
N VAL A 260 0.90 0.34 -8.84
CA VAL A 260 1.34 0.35 -7.46
C VAL A 260 1.20 -1.05 -6.90
N LEU A 261 2.26 -1.56 -6.30
CA LEU A 261 2.17 -2.88 -5.69
C LEU A 261 1.79 -2.70 -4.22
N LEU A 262 0.73 -3.38 -3.77
CA LEU A 262 0.32 -3.30 -2.38
C LEU A 262 1.30 -4.16 -1.59
N ASP A 263 1.26 -4.04 -0.26
CA ASP A 263 2.12 -4.85 0.59
C ASP A 263 1.26 -5.76 1.43
N GLY A 264 1.24 -5.53 2.74
CA GLY A 264 0.45 -6.36 3.62
C GLY A 264 -0.79 -5.71 4.22
N PHE A 265 -1.10 -6.12 5.44
CA PHE A 265 -2.29 -5.64 6.15
C PHE A 265 -2.44 -4.12 6.24
N LEU A 266 -1.37 -3.43 6.60
CA LEU A 266 -1.43 -1.97 6.68
C LEU A 266 -1.81 -1.37 5.33
N SER A 267 -1.24 -1.91 4.26
CA SER A 267 -1.50 -1.40 2.93
C SER A 267 -2.93 -1.68 2.48
N TYR A 268 -3.51 -2.78 2.97
CA TYR A 268 -4.90 -3.12 2.61
C TYR A 268 -5.83 -2.04 3.19
N SER A 269 -5.58 -1.63 4.43
CA SER A 269 -6.44 -0.62 5.02
C SER A 269 -6.30 0.69 4.25
N ALA A 270 -5.09 0.99 3.79
CA ALA A 270 -4.86 2.21 3.01
C ALA A 270 -5.54 2.09 1.64
N ALA A 271 -5.53 0.90 1.05
CA ALA A 271 -6.17 0.72 -0.26
C ALA A 271 -7.70 0.80 -0.13
N LEU A 272 -8.25 0.33 0.98
CA LEU A 272 -9.70 0.42 1.18
C LEU A 272 -10.10 1.91 1.17
N ALA A 273 -9.31 2.74 1.87
CA ALA A 273 -9.55 4.16 1.95
C ALA A 273 -9.40 4.82 0.59
N ALA A 274 -8.32 4.49 -0.12
CA ALA A 274 -8.10 5.07 -1.44
C ALA A 274 -9.24 4.77 -2.42
N CYS A 275 -9.71 3.53 -2.43
CA CYS A 275 -10.79 3.15 -3.34
C CYS A 275 -12.11 3.80 -2.96
N GLN A 276 -12.28 4.10 -1.67
CA GLN A 276 -13.50 4.75 -1.22
C GLN A 276 -13.46 6.21 -1.67
N ILE A 277 -12.28 6.81 -1.56
CA ILE A 277 -12.05 8.21 -1.94
C ILE A 277 -12.16 8.40 -3.46
N ALA A 278 -11.59 7.46 -4.21
CA ALA A 278 -11.61 7.54 -5.66
C ALA A 278 -11.59 6.15 -6.27
N PRO A 279 -12.76 5.66 -6.73
CA PRO A 279 -12.85 4.32 -7.32
C PRO A 279 -11.94 4.13 -8.52
N ALA A 280 -11.60 5.23 -9.19
CA ALA A 280 -10.75 5.17 -10.36
C ALA A 280 -9.33 4.70 -10.03
N VAL A 281 -9.01 4.60 -8.75
CA VAL A 281 -7.66 4.15 -8.39
C VAL A 281 -7.50 2.62 -8.51
N ARG A 282 -8.61 1.91 -8.35
CA ARG A 282 -8.62 0.44 -8.34
C ARG A 282 -7.84 -0.30 -9.42
N PRO A 283 -8.00 0.10 -10.70
CA PRO A 283 -7.32 -0.52 -11.84
C PRO A 283 -5.79 -0.48 -11.78
N TYR A 284 -5.25 0.44 -10.99
CA TYR A 284 -3.80 0.60 -10.86
C TYR A 284 -3.18 -0.19 -9.71
N LEU A 285 -4.02 -0.76 -8.86
CA LEU A 285 -3.56 -1.53 -7.70
C LEU A 285 -3.20 -2.98 -8.06
N ILE A 286 -2.07 -3.45 -7.54
CA ILE A 286 -1.63 -4.81 -7.81
C ILE A 286 -1.30 -5.48 -6.48
N PRO A 287 -1.98 -6.58 -6.15
CA PRO A 287 -1.67 -7.25 -4.88
C PRO A 287 -0.32 -7.95 -4.95
N SER A 288 0.29 -8.20 -3.80
CA SER A 288 1.56 -8.90 -3.79
C SER A 288 1.37 -10.20 -3.00
N HIS A 289 1.33 -10.09 -1.67
CA HIS A 289 1.19 -11.28 -0.84
C HIS A 289 -0.02 -11.27 0.08
N PHE A 290 -0.30 -12.42 0.68
CA PHE A 290 -1.43 -12.61 1.57
C PHE A 290 -0.89 -12.55 2.99
N SER A 291 -1.06 -11.41 3.66
CA SER A 291 -0.59 -11.22 5.03
C SER A 291 -1.10 -12.25 6.03
N ALA A 292 -0.25 -12.59 7.00
CA ALA A 292 -0.62 -13.55 8.04
C ALA A 292 -1.44 -12.86 9.15
N GLU A 293 -1.73 -11.58 8.99
CA GLU A 293 -2.55 -10.86 9.97
C GLU A 293 -3.99 -11.40 9.90
N LYS A 294 -4.63 -11.55 11.06
CA LYS A 294 -5.99 -12.07 11.13
C LYS A 294 -7.00 -11.45 10.16
N GLY A 295 -7.04 -10.11 10.11
CA GLY A 295 -7.99 -9.44 9.25
C GLY A 295 -7.66 -9.39 7.77
N ALA A 296 -6.61 -10.09 7.35
CA ALA A 296 -6.23 -10.08 5.94
C ALA A 296 -7.32 -10.59 4.97
N ARG A 297 -7.88 -11.76 5.23
CA ARG A 297 -8.90 -12.31 4.32
C ARG A 297 -10.07 -11.36 4.10
N ILE A 298 -10.59 -10.80 5.18
CA ILE A 298 -11.72 -9.87 5.12
C ILE A 298 -11.40 -8.63 4.30
N ALA A 299 -10.25 -8.01 4.58
CA ALA A 299 -9.84 -6.81 3.86
C ALA A 299 -9.67 -7.11 2.37
N LEU A 300 -9.00 -8.23 2.06
CA LEU A 300 -8.78 -8.61 0.68
C LEU A 300 -10.09 -8.92 -0.05
N ALA A 301 -11.06 -9.46 0.67
CA ALA A 301 -12.36 -9.78 0.07
C ALA A 301 -13.09 -8.52 -0.35
N HIS A 302 -13.03 -7.48 0.47
CA HIS A 302 -13.73 -6.26 0.12
C HIS A 302 -13.04 -5.47 -0.97
N LEU A 303 -11.78 -5.80 -1.20
CA LEU A 303 -10.98 -5.16 -2.24
C LEU A 303 -11.11 -6.00 -3.52
N SER A 304 -11.67 -7.20 -3.36
CA SER A 304 -11.82 -8.16 -4.47
C SER A 304 -10.46 -8.51 -5.05
N MET A 305 -9.49 -8.75 -4.18
CA MET A 305 -8.14 -9.07 -4.64
C MET A 305 -7.64 -10.43 -4.15
N GLU A 306 -6.91 -11.12 -5.01
CA GLU A 306 -6.35 -12.41 -4.67
C GLU A 306 -4.83 -12.28 -4.84
N PRO A 307 -4.09 -12.17 -3.74
CA PRO A 307 -2.64 -12.03 -3.85
C PRO A 307 -1.96 -13.18 -4.62
N TYR A 308 -0.81 -12.90 -5.19
CA TYR A 308 -0.05 -13.91 -5.92
C TYR A 308 0.79 -14.78 -4.98
N LEU A 309 1.34 -14.17 -3.94
CA LEU A 309 2.21 -14.88 -2.99
C LEU A 309 1.60 -15.25 -1.64
N HIS A 310 1.78 -16.51 -1.25
CA HIS A 310 1.29 -17.00 0.03
C HIS A 310 2.55 -17.36 0.82
N MET A 311 3.07 -16.38 1.55
CA MET A 311 4.30 -16.57 2.30
C MET A 311 4.17 -16.46 3.82
N ALA A 312 2.95 -16.31 4.33
CA ALA A 312 2.72 -16.15 5.77
C ALA A 312 3.54 -14.98 6.30
N MET A 313 3.82 -14.01 5.44
CA MET A 313 4.61 -12.87 5.86
C MET A 313 3.81 -11.84 6.65
N ARG A 314 4.48 -11.19 7.60
CA ARG A 314 3.82 -10.21 8.44
C ARG A 314 4.84 -9.21 8.99
N LEU A 315 5.75 -8.76 8.13
CA LEU A 315 6.77 -7.82 8.54
C LEU A 315 6.39 -6.38 8.22
N GLY A 316 5.77 -6.16 7.07
CA GLY A 316 5.44 -4.79 6.70
C GLY A 316 6.65 -4.19 5.99
N GLU A 317 6.81 -2.88 6.08
CA GLU A 317 7.91 -2.15 5.45
C GLU A 317 7.86 -2.10 3.94
N GLY A 318 6.93 -2.84 3.35
CA GLY A 318 6.84 -2.88 1.90
C GLY A 318 7.67 -4.08 1.43
N SER A 319 7.98 -4.98 2.36
CA SER A 319 8.78 -6.17 2.05
C SER A 319 8.09 -7.09 1.05
N GLY A 320 6.77 -7.22 1.19
CA GLY A 320 6.03 -8.07 0.27
C GLY A 320 5.95 -7.48 -1.12
N ALA A 321 5.79 -6.16 -1.18
CA ALA A 321 5.71 -5.45 -2.46
C ALA A 321 7.01 -5.67 -3.24
N ALA A 322 8.15 -5.60 -2.56
CA ALA A 322 9.43 -5.81 -3.20
C ALA A 322 9.56 -7.24 -3.71
N LEU A 323 9.08 -8.19 -2.92
CA LEU A 323 9.16 -9.60 -3.28
C LEU A 323 8.36 -9.92 -4.54
N ALA A 324 7.32 -9.14 -4.82
CA ALA A 324 6.49 -9.38 -5.99
C ALA A 324 6.95 -8.70 -7.26
N MET A 325 7.85 -7.74 -7.15
CA MET A 325 8.31 -7.04 -8.35
C MET A 325 8.81 -7.97 -9.48
N PRO A 326 9.53 -9.07 -9.14
CA PRO A 326 10.01 -9.96 -10.20
C PRO A 326 8.82 -10.58 -10.96
N ILE A 327 7.68 -10.69 -10.28
CA ILE A 327 6.49 -11.24 -10.92
C ILE A 327 5.97 -10.27 -11.96
N VAL A 328 5.98 -8.98 -11.65
CA VAL A 328 5.52 -8.00 -12.63
C VAL A 328 6.49 -8.00 -13.82
N GLU A 329 7.78 -8.10 -13.54
CA GLU A 329 8.75 -8.11 -14.63
C GLU A 329 8.61 -9.35 -15.51
N ALA A 330 8.25 -10.47 -14.90
CA ALA A 330 8.08 -11.71 -15.64
C ALA A 330 6.92 -11.61 -16.63
N ALA A 331 5.86 -10.91 -16.26
CA ALA A 331 4.72 -10.76 -17.16
C ALA A 331 5.14 -9.94 -18.37
N CYS A 332 6.05 -8.99 -18.15
CA CYS A 332 6.53 -8.16 -19.25
C CYS A 332 7.46 -8.97 -20.14
N ALA A 333 8.32 -9.78 -19.51
CA ALA A 333 9.25 -10.61 -20.26
C ALA A 333 8.46 -11.60 -21.14
N MET A 334 7.41 -12.17 -20.57
CA MET A 334 6.57 -13.11 -21.31
C MET A 334 5.99 -12.42 -22.53
N PHE A 335 5.43 -11.24 -22.30
CA PHE A 335 4.80 -10.46 -23.35
C PHE A 335 5.72 -10.10 -24.51
N HIS A 336 6.91 -9.63 -24.17
CA HIS A 336 7.87 -9.17 -25.16
C HIS A 336 8.83 -10.17 -25.74
N ASN A 337 9.18 -11.20 -24.98
CA ASN A 337 10.18 -12.16 -25.45
C ASN A 337 9.72 -13.49 -26.02
N MET A 338 8.50 -13.93 -25.73
CA MET A 338 8.05 -15.21 -26.28
C MET A 338 7.83 -15.15 -27.78
N GLY A 339 8.03 -16.27 -28.44
CA GLY A 339 7.83 -16.34 -29.88
C GLY A 339 6.34 -16.44 -30.18
N GLU A 340 5.99 -16.46 -31.46
CA GLU A 340 4.58 -16.54 -31.85
C GLU A 340 4.22 -17.83 -32.53
N LEU A 341 3.00 -18.30 -32.26
CA LEU A 341 2.48 -19.53 -32.83
C LEU A 341 2.53 -19.51 -34.35
N ALA A 342 2.18 -18.36 -34.91
CA ALA A 342 2.17 -18.20 -36.36
C ALA A 342 3.52 -18.59 -36.94
N ALA A 343 4.60 -18.17 -36.27
CA ALA A 343 5.96 -18.45 -36.69
C ALA A 343 6.27 -19.94 -36.67
N ILE A 346 2.05 -23.84 -36.00
CA ILE A 346 1.24 -24.52 -34.99
C ILE A 346 -0.16 -23.90 -34.97
N VAL A 347 -1.19 -24.75 -34.98
CA VAL A 347 -2.57 -24.28 -34.96
C VAL A 347 -3.32 -24.90 -33.78
C4 7RA B . 9.62 -3.77 12.03
C5 7RA B . 8.32 -3.84 12.57
C6 7RA B . 8.17 -4.02 13.98
N1 7RA B . 9.33 -4.11 14.73
C2 7RA B . 10.58 -4.05 14.15
N3 7RA B . 10.73 -3.87 12.80
N9 7RA B . 9.48 -3.61 10.71
C8 7RA B . 8.18 -3.60 10.44
N7 7RA B . 7.40 -3.72 11.55
N10 7RA B . 11.71 -4.15 14.95
P 7RA B . 2.33 -3.50 15.84
O1P 7RA B . 1.00 -2.84 15.60
O2P 7RA B . 2.21 -4.70 16.70
O3P 7RA B . 3.23 -2.52 16.50
O5' 7RA B . 2.91 -3.95 14.41
C5' 7RA B . 3.09 -2.98 13.34
C4' 7RA B . 4.55 -2.64 13.23
O4' 7RA B . 5.41 -3.80 12.92
C3' 7RA B . 4.93 -1.63 12.15
O3' 7RA B . 6.13 -0.89 12.46
C2' 7RA B . 5.14 -2.56 10.98
O2' 7RA B . 5.86 -1.93 9.91
C1' 7RA B . 5.86 -3.76 11.60
N NIO C . 3.34 -5.72 10.64
C1 NIO C . 3.01 -5.70 9.30
C2 NIO C . 2.07 -6.65 8.85
C3 NIO C . 1.43 -7.61 9.77
C4 NIO C . 1.86 -7.50 11.12
C5 NIO C . 2.81 -6.58 11.63
C6 NIO C . 1.68 -6.65 7.36
O1 NIO C . 0.82 -7.49 6.95
O2 NIO C . 2.22 -5.82 6.53
#